data_3RK1
#
_entry.id   3RK1
#
_cell.length_a   58.979
_cell.length_b   64.072
_cell.length_c   140.134
_cell.angle_alpha   90.00
_cell.angle_beta   90.00
_cell.angle_gamma   90.00
#
_symmetry.space_group_name_H-M   'P 21 21 21'
#
loop_
_entity.id
_entity.type
_entity.pdbx_description
1 polymer 'N-type ATP pyrophosphatase superfamily'
2 non-polymer "ADENOSINE-5'-TRIPHOSPHATE"
3 non-polymer 'PHOSPHATE ION'
4 water water
#
_entity_poly.entity_id   1
_entity_poly.type   'polypeptide(L)'
_entity_poly.pdbx_seq_one_letter_code
;(MSE)VGLADVAVLYSGGKDSNYALYWAIKNRFSVKFLVT(MSE)VSENEESY(MSE)YHTINANLTDLQARALGIPLVK
GFTQGEKEKEVEDLKRVLSGLKIQGIVAGALASKYQRKRIEKVAKELGLEVYTPAWGRDAKEY(MSE)RELLNLGFKI
(MSE)VVGVSAYGLDESWLGRILDESALEELITLNEKYKVHVAGEGGEFETFVLD(MSE)PLFKYKIVVDKAKKVWEPCT
SSGKLIIEEAHLESKLEHHHHHH
;
_entity_poly.pdbx_strand_id   A,B
#
# COMPACT_ATOMS: atom_id res chain seq x y z
N ALA A 5 1.39 20.77 -14.70
CA ALA A 5 0.25 20.87 -13.73
C ALA A 5 0.12 19.59 -12.88
N ASP A 6 -0.53 18.56 -13.42
CA ASP A 6 -0.73 17.30 -12.69
C ASP A 6 0.51 16.39 -12.70
N VAL A 7 1.02 16.06 -11.51
CA VAL A 7 2.20 15.21 -11.45
C VAL A 7 2.12 14.13 -10.37
N ALA A 8 3.03 13.16 -10.44
CA ALA A 8 3.13 12.10 -9.45
C ALA A 8 4.55 12.23 -8.87
N VAL A 9 4.68 12.04 -7.56
CA VAL A 9 5.98 12.13 -6.92
C VAL A 9 6.47 10.72 -6.57
N LEU A 10 7.68 10.38 -7.01
CA LEU A 10 8.27 9.07 -6.73
C LEU A 10 8.61 9.15 -5.24
N TYR A 11 7.81 8.47 -4.43
CA TYR A 11 7.95 8.53 -2.98
C TYR A 11 8.48 7.24 -2.38
N SER A 12 9.62 7.30 -1.71
CA SER A 12 10.18 6.11 -1.07
C SER A 12 10.08 6.24 0.44
N GLY A 13 9.69 7.41 0.92
CA GLY A 13 9.56 7.62 2.35
C GLY A 13 10.78 8.27 2.99
N GLY A 14 11.84 8.42 2.23
CA GLY A 14 13.06 9.02 2.74
C GLY A 14 13.04 10.53 2.66
N LYS A 15 14.04 11.15 3.27
CA LYS A 15 14.12 12.60 3.28
C LYS A 15 14.01 13.24 1.88
N ASP A 16 14.80 12.74 0.93
CA ASP A 16 14.80 13.31 -0.40
C ASP A 16 13.44 13.21 -1.11
N SER A 17 12.76 12.08 -0.93
CA SER A 17 11.44 11.89 -1.51
C SER A 17 10.50 12.92 -0.91
N ASN A 18 10.59 13.11 0.40
CA ASN A 18 9.72 14.05 1.08
C ASN A 18 10.01 15.49 0.71
N TYR A 19 11.26 15.79 0.39
CA TYR A 19 11.59 17.14 -0.02
C TYR A 19 11.11 17.33 -1.46
N ALA A 20 11.14 16.26 -2.27
CA ALA A 20 10.66 16.41 -3.64
C ALA A 20 9.18 16.82 -3.60
N LEU A 21 8.42 16.19 -2.70
CA LEU A 21 6.99 16.48 -2.53
C LEU A 21 6.76 17.90 -2.06
N TYR A 22 7.54 18.31 -1.07
CA TYR A 22 7.45 19.65 -0.52
C TYR A 22 7.73 20.64 -1.65
N TRP A 23 8.76 20.33 -2.45
CA TRP A 23 9.17 21.16 -3.56
C TRP A 23 8.09 21.26 -4.63
N ALA A 24 7.50 20.13 -4.97
CA ALA A 24 6.45 20.13 -5.99
C ALA A 24 5.24 20.95 -5.54
N ILE A 25 4.80 20.78 -4.30
CA ILE A 25 3.64 21.52 -3.80
C ILE A 25 3.89 23.02 -3.80
N LYS A 26 5.01 23.44 -3.24
CA LYS A 26 5.31 24.86 -3.19
C LYS A 26 5.52 25.51 -4.55
N ASN A 27 5.84 24.72 -5.56
CA ASN A 27 6.05 25.28 -6.89
C ASN A 27 4.79 25.26 -7.77
N ARG A 28 3.63 25.15 -7.11
CA ARG A 28 2.32 25.15 -7.74
C ARG A 28 1.97 23.93 -8.57
N PHE A 29 2.62 22.80 -8.28
CA PHE A 29 2.35 21.56 -8.99
C PHE A 29 1.17 20.87 -8.30
N SER A 30 0.40 20.12 -9.07
CA SER A 30 -0.75 19.43 -8.52
C SER A 30 -0.37 17.96 -8.32
N VAL A 31 0.02 17.61 -7.10
CA VAL A 31 0.44 16.26 -6.77
C VAL A 31 -0.75 15.30 -6.66
N LYS A 32 -1.13 14.67 -7.76
CA LYS A 32 -2.26 13.76 -7.77
C LYS A 32 -1.93 12.39 -7.17
N PHE A 33 -0.67 11.97 -7.24
CA PHE A 33 -0.24 10.68 -6.72
C PHE A 33 1.17 10.63 -6.16
N LEU A 34 1.36 9.68 -5.25
CA LEU A 34 2.66 9.40 -4.66
C LEU A 34 2.86 7.97 -5.20
N VAL A 35 4.02 7.69 -5.77
CA VAL A 35 4.26 6.36 -6.33
C VAL A 35 5.38 5.65 -5.60
N THR A 36 5.08 4.51 -4.99
CA THR A 36 6.15 3.81 -4.31
C THR A 36 6.43 2.46 -4.95
N VAL A 38 8.04 -1.23 -4.83
CA VAL A 38 8.43 -2.24 -3.85
C VAL A 38 9.20 -3.34 -4.56
N SER A 39 10.48 -3.45 -4.24
CA SER A 39 11.36 -4.44 -4.86
C SER A 39 11.81 -5.53 -3.90
N GLU A 40 11.97 -6.74 -4.43
CA GLU A 40 12.41 -7.86 -3.62
C GLU A 40 13.95 -7.86 -3.59
N ASN A 41 14.54 -7.04 -4.46
CA ASN A 41 15.99 -6.92 -4.53
C ASN A 41 16.50 -6.00 -3.43
N GLU A 42 16.80 -6.59 -2.28
CA GLU A 42 17.31 -5.85 -1.13
C GLU A 42 18.51 -5.00 -1.52
N GLU A 43 19.24 -5.41 -2.56
CA GLU A 43 20.43 -4.67 -2.99
C GLU A 43 20.31 -4.07 -4.40
N SER A 44 19.21 -3.37 -4.65
CA SER A 44 19.01 -2.79 -5.97
C SER A 44 19.56 -1.37 -6.05
N TYR A 45 20.12 -1.03 -7.20
CA TYR A 45 20.66 0.30 -7.41
C TYR A 45 19.57 1.23 -7.92
N TYR A 47 15.93 1.43 -6.45
CA TYR A 47 15.03 1.94 -5.43
C TYR A 47 15.47 1.67 -4.01
N HIS A 48 14.99 2.52 -3.10
CA HIS A 48 15.22 2.41 -1.66
C HIS A 48 14.21 1.32 -1.28
N THR A 49 14.66 0.27 -0.58
CA THR A 49 13.79 -0.85 -0.21
C THR A 49 13.40 -0.95 1.26
N ILE A 50 14.29 -0.48 2.14
CA ILE A 50 14.06 -0.52 3.59
C ILE A 50 12.78 0.26 3.95
N ASN A 51 11.86 -0.39 4.64
CA ASN A 51 10.59 0.22 5.05
C ASN A 51 9.79 0.75 3.84
N ALA A 52 10.01 0.16 2.67
CA ALA A 52 9.28 0.58 1.47
C ALA A 52 7.77 0.50 1.67
N ASN A 53 7.31 -0.46 2.47
CA ASN A 53 5.89 -0.61 2.71
C ASN A 53 5.36 0.32 3.82
N LEU A 54 6.20 1.24 4.27
CA LEU A 54 5.78 2.19 5.31
C LEU A 54 5.21 3.48 4.72
N THR A 55 5.39 3.69 3.41
CA THR A 55 4.88 4.90 2.78
C THR A 55 3.36 5.05 2.95
N ASP A 56 2.66 3.94 3.09
CA ASP A 56 1.22 3.97 3.29
C ASP A 56 0.92 4.83 4.51
N LEU A 57 1.73 4.68 5.56
CA LEU A 57 1.50 5.46 6.77
C LEU A 57 1.76 6.93 6.52
N GLN A 58 2.77 7.25 5.71
CA GLN A 58 3.05 8.66 5.42
C GLN A 58 1.99 9.22 4.50
N ALA A 59 1.60 8.44 3.50
CA ALA A 59 0.57 8.91 2.57
C ALA A 59 -0.71 9.22 3.33
N ARG A 60 -1.02 8.36 4.31
CA ARG A 60 -2.22 8.56 5.10
C ARG A 60 -2.11 9.87 5.90
N ALA A 61 -0.88 10.25 6.26
CA ALA A 61 -0.64 11.47 7.02
C ALA A 61 -0.77 12.70 6.14
N LEU A 62 -0.39 12.54 4.88
CA LEU A 62 -0.43 13.61 3.87
C LEU A 62 -1.81 13.80 3.26
N GLY A 63 -2.56 12.71 3.16
CA GLY A 63 -3.87 12.76 2.58
C GLY A 63 -3.79 12.68 1.06
N ILE A 64 -2.67 12.16 0.55
CA ILE A 64 -2.45 12.02 -0.89
C ILE A 64 -2.49 10.53 -1.31
N PRO A 65 -3.25 10.19 -2.36
CA PRO A 65 -3.36 8.82 -2.83
C PRO A 65 -2.00 8.21 -3.10
N LEU A 66 -1.88 6.92 -2.82
CA LEU A 66 -0.62 6.23 -3.02
C LEU A 66 -0.75 5.16 -4.09
N VAL A 67 0.26 5.02 -4.91
CA VAL A 67 0.25 4.00 -5.92
C VAL A 67 1.44 3.11 -5.60
N LYS A 68 1.16 1.85 -5.33
CA LYS A 68 2.19 0.90 -5.00
C LYS A 68 2.39 -0.04 -6.19
N GLY A 69 3.61 -0.06 -6.71
CA GLY A 69 3.93 -0.93 -7.83
C GLY A 69 4.91 -1.94 -7.31
N PHE A 70 5.04 -3.07 -8.00
CA PHE A 70 5.96 -4.11 -7.57
C PHE A 70 6.96 -4.55 -8.63
N THR A 71 8.10 -5.09 -8.16
CA THR A 71 9.18 -5.54 -9.03
C THR A 71 10.05 -6.56 -8.30
N GLN A 72 10.51 -7.59 -9.01
CA GLN A 72 11.36 -8.59 -8.39
C GLN A 72 12.76 -8.03 -8.18
N GLY A 73 13.10 -6.97 -8.89
CA GLY A 73 14.41 -6.35 -8.74
C GLY A 73 15.37 -6.58 -9.89
N GLU A 74 14.96 -7.42 -10.84
CA GLU A 74 15.78 -7.72 -12.01
C GLU A 74 16.10 -6.42 -12.71
N LYS A 75 17.39 -6.13 -12.85
CA LYS A 75 17.84 -4.91 -13.49
C LYS A 75 17.27 -4.75 -14.90
N GLU A 76 17.02 -5.87 -15.58
CA GLU A 76 16.47 -5.85 -16.94
C GLU A 76 14.96 -5.59 -16.98
N LYS A 77 14.37 -5.39 -15.80
CA LYS A 77 12.94 -5.14 -15.69
C LYS A 77 12.66 -3.83 -14.95
N GLU A 78 13.73 -3.10 -14.64
CA GLU A 78 13.62 -1.84 -13.92
C GLU A 78 12.75 -0.79 -14.63
N VAL A 79 13.04 -0.58 -15.92
CA VAL A 79 12.30 0.41 -16.70
C VAL A 79 10.86 -0.01 -17.01
N GLU A 80 10.67 -1.25 -17.46
CA GLU A 80 9.33 -1.72 -17.78
C GLU A 80 8.42 -1.87 -16.56
N ASP A 81 8.97 -2.19 -15.40
CA ASP A 81 8.13 -2.33 -14.23
C ASP A 81 7.67 -0.98 -13.68
N LEU A 82 8.53 0.03 -13.78
CA LEU A 82 8.18 1.38 -13.31
C LEU A 82 7.25 1.99 -14.34
N LYS A 83 7.51 1.72 -15.60
CA LYS A 83 6.69 2.25 -16.68
C LYS A 83 5.27 1.71 -16.56
N ARG A 84 5.15 0.44 -16.19
CA ARG A 84 3.84 -0.20 -16.05
C ARG A 84 2.98 0.49 -15.01
N VAL A 85 3.61 0.95 -13.93
CA VAL A 85 2.91 1.61 -12.84
C VAL A 85 2.59 3.08 -13.08
N LEU A 86 3.30 3.72 -14.00
CA LEU A 86 3.07 5.14 -14.29
C LEU A 86 2.19 5.38 -15.52
N SER A 87 2.31 4.50 -16.52
CA SER A 87 1.56 4.62 -17.76
C SER A 87 0.07 4.81 -17.59
N GLY A 88 -0.48 4.26 -16.51
CA GLY A 88 -1.91 4.36 -16.28
C GLY A 88 -2.37 5.54 -15.45
N LEU A 89 -1.48 6.50 -15.19
CA LEU A 89 -1.84 7.66 -14.37
C LEU A 89 -2.02 8.92 -15.22
N LYS A 90 -3.07 9.69 -14.92
CA LYS A 90 -3.35 10.93 -15.64
C LYS A 90 -2.51 12.03 -15.04
N ILE A 91 -1.24 12.04 -15.47
CA ILE A 91 -0.28 13.00 -15.01
C ILE A 91 0.47 13.54 -16.21
N GLN A 92 1.06 14.72 -16.06
CA GLN A 92 1.80 15.33 -17.14
C GLN A 92 3.29 15.18 -16.86
N GLY A 93 3.63 14.86 -15.62
CA GLY A 93 5.02 14.70 -15.28
C GLY A 93 5.24 13.97 -13.98
N ILE A 94 6.51 13.77 -13.64
CA ILE A 94 6.86 13.08 -12.41
C ILE A 94 7.99 13.80 -11.72
N VAL A 95 7.96 13.76 -10.39
CA VAL A 95 8.97 14.44 -9.60
C VAL A 95 9.86 13.43 -8.90
N ALA A 96 11.17 13.66 -8.97
CA ALA A 96 12.14 12.76 -8.35
C ALA A 96 13.06 13.54 -7.44
N GLY A 97 13.61 12.87 -6.42
CA GLY A 97 14.52 13.53 -5.50
C GLY A 97 15.74 14.09 -6.23
N ALA A 98 16.09 15.31 -5.88
CA ALA A 98 17.24 16.00 -6.47
C ALA A 98 18.59 15.27 -6.31
N LEU A 99 18.66 14.33 -5.36
CA LEU A 99 19.89 13.58 -5.13
C LEU A 99 19.92 12.21 -5.79
N ALA A 100 18.97 11.94 -6.67
CA ALA A 100 18.94 10.65 -7.36
C ALA A 100 20.27 10.42 -8.09
N SER A 101 20.85 9.23 -7.91
CA SER A 101 22.14 8.92 -8.57
C SER A 101 21.99 8.92 -10.09
N LYS A 102 23.11 8.86 -10.80
CA LYS A 102 23.08 8.85 -12.26
C LYS A 102 22.42 7.58 -12.75
N TYR A 103 22.73 6.48 -12.07
CA TYR A 103 22.14 5.19 -12.43
C TYR A 103 20.62 5.32 -12.40
N GLN A 104 20.10 6.02 -11.40
CA GLN A 104 18.66 6.21 -11.26
C GLN A 104 18.10 7.20 -12.26
N ARG A 105 18.75 8.36 -12.34
CA ARG A 105 18.34 9.45 -13.23
C ARG A 105 18.09 8.95 -14.66
N LYS A 106 19.03 8.20 -15.20
CA LYS A 106 18.92 7.66 -16.55
C LYS A 106 17.63 6.86 -16.70
N ARG A 107 17.41 5.92 -15.79
CA ARG A 107 16.22 5.07 -15.81
C ARG A 107 14.95 5.91 -15.74
N ILE A 108 14.95 6.93 -14.88
CA ILE A 108 13.80 7.80 -14.72
C ILE A 108 13.50 8.56 -16.00
N GLU A 109 14.53 9.16 -16.59
CA GLU A 109 14.39 9.92 -17.82
C GLU A 109 13.92 9.05 -18.97
N LYS A 110 14.36 7.79 -18.99
CA LYS A 110 13.95 6.89 -20.06
C LYS A 110 12.46 6.58 -19.95
N VAL A 111 12.02 6.13 -18.79
CA VAL A 111 10.61 5.80 -18.58
C VAL A 111 9.73 7.01 -18.84
N ALA A 112 10.22 8.19 -18.46
CA ALA A 112 9.48 9.41 -18.65
C ALA A 112 9.34 9.67 -20.14
N LYS A 113 10.45 9.60 -20.85
CA LYS A 113 10.44 9.86 -22.29
C LYS A 113 9.53 8.88 -23.04
N GLU A 114 9.48 7.63 -22.60
CA GLU A 114 8.65 6.62 -23.23
C GLU A 114 7.16 6.83 -22.92
N LEU A 115 6.86 7.70 -21.96
CA LEU A 115 5.48 7.94 -21.61
C LEU A 115 5.06 9.35 -22.00
N GLY A 116 6.02 10.14 -22.46
CA GLY A 116 5.73 11.50 -22.86
C GLY A 116 5.52 12.39 -21.66
N LEU A 117 6.03 11.95 -20.52
CA LEU A 117 5.91 12.69 -19.28
C LEU A 117 7.16 13.51 -19.06
N GLU A 118 7.02 14.60 -18.31
CA GLU A 118 8.15 15.48 -18.00
C GLU A 118 8.79 14.96 -16.72
N VAL A 119 10.01 15.36 -16.45
CA VAL A 119 10.67 14.95 -15.22
C VAL A 119 11.08 16.21 -14.48
N TYR A 120 10.52 16.39 -13.29
CA TYR A 120 10.83 17.56 -12.47
C TYR A 120 11.73 17.15 -11.32
N THR A 121 12.90 17.80 -11.24
CA THR A 121 13.84 17.51 -10.18
C THR A 121 14.23 18.81 -9.52
N PRO A 122 14.10 18.88 -8.18
CA PRO A 122 14.44 20.08 -7.41
C PRO A 122 15.94 20.34 -7.33
N ASP A 127 25.08 21.85 -2.24
CA ASP A 127 25.91 21.69 -1.05
C ASP A 127 25.16 20.84 -0.03
N ALA A 128 25.67 19.65 0.21
CA ALA A 128 25.07 18.71 1.14
C ALA A 128 24.75 19.33 2.50
N LYS A 129 25.71 20.03 3.10
CA LYS A 129 25.51 20.65 4.41
C LYS A 129 24.39 21.66 4.36
N GLU A 130 24.29 22.40 3.27
CA GLU A 130 23.26 23.42 3.12
C GLU A 130 21.91 22.75 2.96
N TYR A 131 21.85 21.75 2.08
CA TYR A 131 20.61 21.01 1.82
C TYR A 131 20.08 20.40 3.12
N ARG A 133 20.77 21.26 6.28
CA ARG A 133 20.37 22.25 7.27
C ARG A 133 19.01 22.84 6.92
N GLU A 134 18.73 22.94 5.63
CA GLU A 134 17.44 23.47 5.20
C GLU A 134 16.33 22.53 5.67
N LEU A 135 16.49 21.24 5.42
CA LEU A 135 15.47 20.26 5.82
C LEU A 135 15.16 20.39 7.30
N LEU A 136 16.20 20.55 8.12
CA LEU A 136 15.99 20.71 9.55
C LEU A 136 15.24 22.02 9.81
N ASN A 137 15.65 23.07 9.11
CA ASN A 137 15.02 24.39 9.25
C ASN A 137 13.57 24.34 8.77
N LEU A 138 13.28 23.45 7.83
CA LEU A 138 11.92 23.29 7.32
C LEU A 138 11.07 22.49 8.30
N GLY A 139 11.72 21.91 9.31
CA GLY A 139 10.98 21.14 10.29
C GLY A 139 10.92 19.64 10.02
N PHE A 140 11.72 19.15 9.09
CA PHE A 140 11.72 17.72 8.80
C PHE A 140 12.26 16.92 9.97
N LYS A 141 11.49 15.91 10.38
CA LYS A 141 11.89 15.02 11.46
C LYS A 141 12.33 13.75 10.74
N ILE A 142 13.65 13.56 10.67
CA ILE A 142 14.24 12.44 9.95
C ILE A 142 14.90 11.37 10.81
N VAL A 144 17.13 7.76 10.82
CA VAL A 144 18.03 6.98 9.97
C VAL A 144 17.59 5.54 10.09
N VAL A 145 17.28 4.91 8.96
CA VAL A 145 16.85 3.53 9.00
C VAL A 145 17.78 2.58 8.26
N GLY A 146 18.92 3.10 7.81
CA GLY A 146 19.87 2.26 7.12
C GLY A 146 21.20 2.95 6.92
N VAL A 147 22.29 2.20 7.08
CA VAL A 147 23.62 2.74 6.88
C VAL A 147 24.53 1.76 6.17
N SER A 148 25.47 2.28 5.39
CA SER A 148 26.40 1.43 4.68
C SER A 148 27.60 2.23 4.21
N ALA A 149 28.51 2.48 5.13
CA ALA A 149 29.70 3.25 4.82
C ALA A 149 30.64 3.19 6.02
N TYR A 150 31.93 2.94 5.76
CA TYR A 150 32.92 2.86 6.82
C TYR A 150 32.82 4.12 7.69
N GLY A 151 32.68 3.93 9.00
CA GLY A 151 32.56 5.05 9.90
C GLY A 151 31.17 5.12 10.51
N LEU A 152 30.19 4.52 9.84
CA LEU A 152 28.82 4.54 10.36
C LEU A 152 28.53 3.20 11.03
N ASP A 153 28.39 3.25 12.35
CA ASP A 153 28.12 2.04 13.11
C ASP A 153 26.62 1.87 13.37
N GLU A 154 26.27 0.82 14.10
CA GLU A 154 24.89 0.48 14.41
C GLU A 154 24.19 1.51 15.29
N SER A 155 24.97 2.37 15.94
CA SER A 155 24.40 3.38 16.81
C SER A 155 23.56 4.39 16.04
N TRP A 156 23.79 4.46 14.72
CA TRP A 156 23.04 5.39 13.89
C TRP A 156 21.64 4.91 13.55
N LEU A 157 21.39 3.61 13.69
CA LEU A 157 20.08 3.05 13.38
C LEU A 157 19.04 3.51 14.36
N GLY A 158 17.97 4.13 13.86
CA GLY A 158 16.91 4.60 14.72
C GLY A 158 17.12 6.03 15.18
N ARG A 159 18.33 6.54 14.98
CA ARG A 159 18.68 7.91 15.38
C ARG A 159 17.93 9.01 14.64
N ILE A 160 17.62 10.08 15.35
CA ILE A 160 16.92 11.20 14.75
C ILE A 160 17.93 12.24 14.29
N LEU A 161 17.91 12.52 13.00
CA LEU A 161 18.82 13.49 12.43
C LEU A 161 18.51 14.93 12.78
N ASP A 162 19.13 15.44 13.84
CA ASP A 162 18.95 16.82 14.26
C ASP A 162 20.30 17.52 14.02
N GLU A 163 20.35 18.81 14.30
CA GLU A 163 21.58 19.59 14.11
C GLU A 163 22.81 18.93 14.74
N SER A 164 22.66 18.38 15.94
CA SER A 164 23.78 17.73 16.60
C SER A 164 24.27 16.56 15.77
N ALA A 165 23.34 15.79 15.22
CA ALA A 165 23.68 14.63 14.42
C ALA A 165 24.31 15.03 13.09
N LEU A 166 23.84 16.13 12.54
CA LEU A 166 24.35 16.64 11.27
C LEU A 166 25.84 16.97 11.41
N GLU A 167 26.20 17.63 12.51
CA GLU A 167 27.59 17.99 12.74
C GLU A 167 28.46 16.74 12.82
N GLU A 168 27.93 15.67 13.40
CA GLU A 168 28.69 14.42 13.50
C GLU A 168 28.94 13.89 12.10
N LEU A 169 27.93 14.00 11.24
CA LEU A 169 28.05 13.55 9.87
C LEU A 169 29.12 14.37 9.18
N ILE A 170 29.11 15.68 9.43
CA ILE A 170 30.10 16.57 8.83
C ILE A 170 31.49 16.14 9.31
N THR A 171 31.58 15.76 10.58
CA THR A 171 32.84 15.31 11.15
C THR A 171 33.29 14.02 10.46
N LEU A 172 32.38 13.06 10.36
CA LEU A 172 32.69 11.81 9.71
C LEU A 172 33.09 12.04 8.26
N ASN A 173 32.55 13.10 7.66
CA ASN A 173 32.85 13.44 6.27
C ASN A 173 34.30 13.90 6.17
N GLU A 174 34.80 14.44 7.27
CA GLU A 174 36.15 14.93 7.35
C GLU A 174 37.06 13.74 7.63
N LYS A 175 36.63 12.85 8.51
CA LYS A 175 37.45 11.72 8.90
C LYS A 175 37.49 10.54 7.94
N TYR A 176 36.33 10.11 7.45
CA TYR A 176 36.26 8.98 6.55
C TYR A 176 35.63 9.29 5.20
N LYS A 177 35.31 10.57 4.98
CA LYS A 177 34.69 11.00 3.73
C LYS A 177 33.23 10.53 3.54
N VAL A 178 32.53 10.29 4.65
CA VAL A 178 31.14 9.88 4.58
C VAL A 178 30.32 11.04 3.99
N HIS A 179 29.38 10.74 3.09
CA HIS A 179 28.53 11.76 2.45
C HIS A 179 27.53 12.31 3.45
N VAL A 180 27.59 13.61 3.69
CA VAL A 180 26.71 14.29 4.63
C VAL A 180 25.20 14.11 4.32
N ALA A 181 24.88 13.99 3.04
CA ALA A 181 23.52 13.81 2.61
C ALA A 181 23.20 12.33 2.40
N GLY A 182 24.22 11.47 2.44
CA GLY A 182 23.98 10.04 2.30
C GLY A 182 23.87 9.48 0.88
N GLU A 183 24.15 10.31 -0.12
CA GLU A 183 24.08 9.86 -1.49
C GLU A 183 24.86 8.58 -1.71
N GLY A 184 24.56 7.90 -2.81
CA GLY A 184 25.25 6.66 -3.14
C GLY A 184 24.92 5.55 -2.15
N GLY A 185 23.77 5.68 -1.47
CA GLY A 185 23.35 4.69 -0.51
C GLY A 185 24.12 4.66 0.82
N GLU A 186 24.90 5.69 1.12
CA GLU A 186 25.65 5.72 2.39
C GLU A 186 24.73 5.54 3.57
N PHE A 187 23.57 6.16 3.52
CA PHE A 187 22.57 5.95 4.57
C PHE A 187 21.18 6.24 4.02
N GLU A 188 20.18 5.59 4.61
CA GLU A 188 18.80 5.75 4.20
C GLU A 188 18.02 6.33 5.38
N THR A 189 16.94 7.04 5.09
CA THR A 189 16.16 7.64 6.16
C THR A 189 14.67 7.42 6.01
N PHE A 190 13.94 7.84 7.04
CA PHE A 190 12.49 7.75 7.05
C PHE A 190 11.97 9.03 7.73
N VAL A 191 11.12 9.79 7.03
CA VAL A 191 10.58 11.02 7.58
C VAL A 191 9.35 10.76 8.43
N LEU A 192 9.44 11.07 9.71
CA LEU A 192 8.34 10.87 10.65
C LEU A 192 7.38 12.04 10.68
N ASP A 193 7.92 13.23 10.46
CA ASP A 193 7.10 14.40 10.48
C ASP A 193 7.60 15.44 9.51
N PRO A 195 6.01 19.47 7.58
CA PRO A 195 4.92 20.45 7.63
C PRO A 195 3.65 20.01 6.92
N LEU A 196 3.80 19.42 5.73
CA LEU A 196 2.63 18.96 4.98
C LEU A 196 1.91 17.81 5.67
N PHE A 197 2.59 17.11 6.57
CA PHE A 197 1.93 16.01 7.29
C PHE A 197 0.85 16.58 8.21
N LYS A 198 -0.34 15.98 8.17
CA LYS A 198 -1.44 16.40 9.03
C LYS A 198 -1.20 15.77 10.41
N TYR A 199 -0.60 14.59 10.41
CA TYR A 199 -0.26 13.89 11.65
C TYR A 199 1.24 13.60 11.65
N LYS A 200 1.76 13.25 12.82
CA LYS A 200 3.17 12.93 12.96
C LYS A 200 3.25 11.42 13.18
N ILE A 201 4.34 10.79 12.75
CA ILE A 201 4.47 9.36 12.93
C ILE A 201 5.30 9.06 14.17
N VAL A 202 4.92 8.02 14.90
CA VAL A 202 5.64 7.60 16.10
C VAL A 202 5.94 6.12 15.97
N VAL A 203 7.20 5.77 16.12
CA VAL A 203 7.62 4.40 16.02
C VAL A 203 7.39 3.68 17.34
N ASP A 204 6.59 2.62 17.30
CA ASP A 204 6.27 1.87 18.51
C ASP A 204 7.13 0.62 18.68
N LYS A 205 7.62 0.09 17.57
CA LYS A 205 8.44 -1.11 17.65
C LYS A 205 9.33 -1.21 16.43
N ALA A 206 10.61 -1.48 16.66
CA ALA A 206 11.56 -1.57 15.57
C ALA A 206 12.66 -2.60 15.85
N LYS A 207 13.18 -3.20 14.78
CA LYS A 207 14.24 -4.20 14.88
C LYS A 207 15.49 -3.76 14.13
N LYS A 208 16.62 -3.70 14.82
CA LYS A 208 17.86 -3.32 14.17
C LYS A 208 18.52 -4.59 13.66
N VAL A 209 18.83 -4.62 12.36
CA VAL A 209 19.48 -5.78 11.76
C VAL A 209 20.84 -5.33 11.24
N TRP A 210 21.90 -5.85 11.83
CA TRP A 210 23.26 -5.49 11.45
C TRP A 210 23.93 -6.60 10.65
N GLU A 211 24.56 -6.22 9.54
CA GLU A 211 25.26 -7.14 8.66
C GLU A 211 26.77 -7.03 8.87
N PRO A 212 27.34 -7.89 9.72
CA PRO A 212 28.78 -7.83 9.98
C PRO A 212 29.62 -8.06 8.72
N CYS A 213 29.13 -8.91 7.82
CA CYS A 213 29.86 -9.21 6.59
C CYS A 213 30.15 -8.00 5.71
N THR A 214 29.38 -6.93 5.87
CA THR A 214 29.59 -5.73 5.07
C THR A 214 29.62 -4.50 5.95
N SER A 215 29.59 -4.73 7.26
CA SER A 215 29.60 -3.67 8.26
C SER A 215 28.54 -2.61 7.94
N SER A 216 27.33 -3.09 7.68
CA SER A 216 26.20 -2.23 7.36
C SER A 216 24.97 -2.66 8.16
N GLY A 217 23.90 -1.90 8.06
CA GLY A 217 22.71 -2.28 8.79
C GLY A 217 21.46 -1.53 8.42
N LYS A 218 20.35 -2.00 8.96
CA LYS A 218 19.08 -1.37 8.70
C LYS A 218 18.14 -1.52 9.89
N LEU A 219 17.19 -0.62 9.94
CA LEU A 219 16.20 -0.59 10.98
C LEU A 219 14.87 -0.95 10.34
N ILE A 220 14.29 -2.06 10.78
CA ILE A 220 13.02 -2.48 10.26
C ILE A 220 11.97 -1.94 11.21
N ILE A 221 11.14 -0.99 10.75
CA ILE A 221 10.08 -0.43 11.59
C ILE A 221 8.97 -1.48 11.59
N GLU A 222 8.69 -2.04 12.76
CA GLU A 222 7.67 -3.06 12.89
C GLU A 222 6.29 -2.52 13.22
N GLU A 223 6.22 -1.60 14.18
CA GLU A 223 4.94 -1.03 14.58
C GLU A 223 5.06 0.49 14.65
N ALA A 224 4.00 1.18 14.26
CA ALA A 224 4.01 2.64 14.28
C ALA A 224 2.59 3.15 14.16
N HIS A 225 2.35 4.37 14.63
CA HIS A 225 1.03 4.96 14.55
C HIS A 225 1.10 6.48 14.36
N LEU A 226 -0.02 7.07 13.95
CA LEU A 226 -0.09 8.51 13.73
C LEU A 226 -0.52 9.24 15.00
N GLU A 227 0.08 10.37 15.27
CA GLU A 227 -0.25 11.13 16.46
C GLU A 227 -0.61 12.56 16.07
N SER A 228 -1.49 13.19 16.83
CA SER A 228 -1.90 14.56 16.56
C SER A 228 -0.72 15.51 16.66
N LYS A 229 -0.86 16.68 16.06
CA LYS A 229 0.19 17.70 16.08
C LYS A 229 -0.40 19.10 15.99
N LEU B 4 -11.55 0.25 -23.82
CA LEU B 4 -12.76 -0.03 -23.00
C LEU B 4 -12.58 -1.32 -22.19
N ALA B 5 -11.42 -1.97 -22.34
CA ALA B 5 -11.12 -3.20 -21.60
C ALA B 5 -10.34 -2.83 -20.35
N ASP B 6 -9.83 -1.61 -20.30
CA ASP B 6 -9.06 -1.13 -19.15
C ASP B 6 -9.97 -0.81 -17.98
N VAL B 7 -9.87 -1.58 -16.91
CA VAL B 7 -10.72 -1.31 -15.77
C VAL B 7 -9.95 -1.28 -14.45
N ALA B 8 -10.64 -0.84 -13.41
CA ALA B 8 -10.07 -0.81 -12.08
C ALA B 8 -11.03 -1.59 -11.20
N VAL B 9 -10.49 -2.45 -10.35
CA VAL B 9 -11.33 -3.25 -9.46
C VAL B 9 -11.30 -2.69 -8.03
N LEU B 10 -12.47 -2.42 -7.44
CA LEU B 10 -12.54 -1.93 -6.08
C LEU B 10 -12.19 -3.15 -5.24
N TYR B 11 -11.02 -3.11 -4.62
CA TYR B 11 -10.51 -4.26 -3.87
C TYR B 11 -10.45 -4.10 -2.35
N SER B 12 -11.21 -4.92 -1.64
CA SER B 12 -11.22 -4.87 -0.18
C SER B 12 -10.56 -6.10 0.46
N GLY B 13 -9.99 -6.99 -0.35
CA GLY B 13 -9.30 -8.15 0.17
C GLY B 13 -10.09 -9.41 0.44
N GLY B 14 -11.42 -9.31 0.47
CA GLY B 14 -12.23 -10.48 0.73
C GLY B 14 -12.50 -11.32 -0.50
N LYS B 15 -13.27 -12.38 -0.29
CA LYS B 15 -13.65 -13.32 -1.33
C LYS B 15 -14.42 -12.70 -2.48
N ASP B 16 -15.23 -11.69 -2.20
CA ASP B 16 -16.00 -11.08 -3.28
C ASP B 16 -15.13 -10.21 -4.16
N SER B 17 -14.25 -9.43 -3.54
CA SER B 17 -13.33 -8.57 -4.32
C SER B 17 -12.40 -9.45 -5.18
N ASN B 18 -11.90 -10.54 -4.61
CA ASN B 18 -10.98 -11.40 -5.36
C ASN B 18 -11.68 -12.19 -6.47
N TYR B 19 -12.98 -12.39 -6.33
CA TYR B 19 -13.73 -13.08 -7.36
C TYR B 19 -14.02 -12.07 -8.47
N ALA B 20 -14.33 -10.84 -8.09
CA ALA B 20 -14.57 -9.81 -9.08
C ALA B 20 -13.31 -9.67 -9.94
N LEU B 21 -12.15 -9.77 -9.31
CA LEU B 21 -10.86 -9.67 -10.00
C LEU B 21 -10.66 -10.90 -10.90
N TYR B 22 -10.95 -12.07 -10.34
CA TYR B 22 -10.85 -13.32 -11.07
C TYR B 22 -11.71 -13.17 -12.31
N TRP B 23 -12.94 -12.73 -12.09
CA TRP B 23 -13.92 -12.55 -13.17
C TRP B 23 -13.43 -11.61 -14.25
N ALA B 24 -12.93 -10.45 -13.84
CA ALA B 24 -12.45 -9.44 -14.78
C ALA B 24 -11.38 -10.02 -15.68
N ILE B 25 -10.36 -10.62 -15.09
CA ILE B 25 -9.28 -11.17 -15.88
C ILE B 25 -9.73 -12.33 -16.77
N LYS B 26 -10.55 -13.23 -16.22
CA LYS B 26 -11.03 -14.36 -17.00
C LYS B 26 -11.79 -13.87 -18.23
N ASN B 27 -12.51 -12.76 -18.08
CA ASN B 27 -13.25 -12.21 -19.21
C ASN B 27 -12.35 -11.33 -20.05
N ARG B 28 -11.06 -11.58 -19.95
CA ARG B 28 -10.04 -10.85 -20.69
C ARG B 28 -10.07 -9.33 -20.57
N PHE B 29 -10.45 -8.84 -19.39
CA PHE B 29 -10.47 -7.40 -19.15
C PHE B 29 -9.06 -7.05 -18.73
N SER B 30 -8.70 -5.77 -18.80
CA SER B 30 -7.37 -5.36 -18.41
C SER B 30 -7.43 -4.56 -17.12
N VAL B 31 -7.23 -5.25 -16.00
CA VAL B 31 -7.25 -4.63 -14.69
C VAL B 31 -5.99 -3.81 -14.48
N LYS B 32 -6.06 -2.54 -14.83
CA LYS B 32 -4.92 -1.64 -14.71
C LYS B 32 -4.53 -1.35 -13.27
N PHE B 33 -5.52 -1.30 -12.38
CA PHE B 33 -5.27 -0.99 -10.98
C PHE B 33 -6.21 -1.67 -10.03
N LEU B 34 -5.72 -1.88 -8.82
CA LEU B 34 -6.51 -2.43 -7.73
C LEU B 34 -6.68 -1.18 -6.87
N VAL B 35 -7.92 -0.81 -6.55
CA VAL B 35 -8.18 0.38 -5.73
C VAL B 35 -8.78 0.07 -4.36
N THR B 36 -8.09 0.49 -3.31
CA THR B 36 -8.55 0.28 -1.93
C THR B 36 -8.73 1.63 -1.24
N VAL B 38 -9.09 3.76 2.10
CA VAL B 38 -8.74 3.61 3.50
C VAL B 38 -9.51 4.64 4.29
N SER B 39 -10.56 4.19 4.97
CA SER B 39 -11.42 5.06 5.75
C SER B 39 -10.97 5.22 7.19
N GLU B 40 -10.90 6.47 7.64
CA GLU B 40 -10.51 6.73 9.01
C GLU B 40 -11.65 6.31 9.94
N ASN B 41 -12.89 6.50 9.49
CA ASN B 41 -14.06 6.13 10.28
C ASN B 41 -14.32 4.63 10.18
N GLU B 42 -14.45 3.97 11.32
CA GLU B 42 -14.70 2.53 11.35
C GLU B 42 -16.11 2.18 10.88
N GLU B 43 -17.06 3.06 11.18
CA GLU B 43 -18.46 2.83 10.82
C GLU B 43 -18.78 3.28 9.40
N SER B 44 -17.77 3.30 8.53
CA SER B 44 -17.96 3.71 7.16
C SER B 44 -19.04 2.88 6.48
N TYR B 45 -19.99 3.56 5.85
CA TYR B 45 -21.09 2.88 5.16
C TYR B 45 -20.68 2.37 3.77
N TYR B 47 -17.19 1.82 2.52
CA TYR B 47 -16.05 0.91 2.47
C TYR B 47 -15.81 0.10 3.73
N HIS B 48 -15.11 -1.01 3.53
CA HIS B 48 -14.75 -1.90 4.63
C HIS B 48 -13.38 -1.51 5.17
N THR B 49 -13.17 -1.68 6.47
CA THR B 49 -11.89 -1.36 7.08
C THR B 49 -11.10 -2.63 7.35
N ILE B 50 -11.81 -3.75 7.46
CA ILE B 50 -11.18 -5.04 7.74
C ILE B 50 -10.06 -5.30 6.73
N ASN B 51 -8.88 -5.62 7.25
CA ASN B 51 -7.72 -5.87 6.40
C ASN B 51 -7.48 -4.87 5.25
N ALA B 52 -7.85 -3.60 5.47
CA ALA B 52 -7.63 -2.58 4.43
C ALA B 52 -6.15 -2.22 4.34
N ASN B 53 -5.34 -2.80 5.23
CA ASN B 53 -3.91 -2.56 5.22
C ASN B 53 -3.13 -3.76 4.68
N LEU B 54 -3.80 -4.91 4.61
CA LEU B 54 -3.16 -6.13 4.09
C LEU B 54 -3.31 -6.27 2.58
N THR B 55 -4.14 -5.43 1.97
CA THR B 55 -4.33 -5.51 0.53
C THR B 55 -2.99 -5.35 -0.17
N ASP B 56 -2.06 -4.62 0.44
CA ASP B 56 -0.74 -4.46 -0.17
C ASP B 56 -0.13 -5.82 -0.43
N LEU B 57 -0.29 -6.76 0.51
CA LEU B 57 0.27 -8.10 0.34
C LEU B 57 -0.34 -8.84 -0.84
N GLN B 58 -1.66 -8.74 -0.97
CA GLN B 58 -2.34 -9.41 -2.07
C GLN B 58 -1.94 -8.79 -3.40
N ALA B 59 -1.83 -7.47 -3.42
CA ALA B 59 -1.44 -6.75 -4.62
C ALA B 59 -0.04 -7.18 -5.04
N ARG B 60 0.84 -7.40 -4.06
CA ARG B 60 2.20 -7.84 -4.32
C ARG B 60 2.17 -9.26 -4.85
N ALA B 61 1.29 -10.08 -4.29
CA ALA B 61 1.19 -11.46 -4.73
C ALA B 61 0.63 -11.51 -6.15
N LEU B 62 -0.18 -10.50 -6.50
CA LEU B 62 -0.82 -10.43 -7.81
C LEU B 62 0.04 -9.74 -8.88
N GLY B 63 0.88 -8.81 -8.47
CA GLY B 63 1.71 -8.10 -9.43
C GLY B 63 0.98 -6.90 -10.02
N ILE B 64 -0.27 -6.68 -9.60
CA ILE B 64 -1.07 -5.57 -10.11
C ILE B 64 -0.89 -4.27 -9.31
N PRO B 65 -0.78 -3.13 -9.99
CA PRO B 65 -0.61 -1.86 -9.28
C PRO B 65 -1.75 -1.64 -8.30
N LEU B 66 -1.43 -1.13 -7.11
CA LEU B 66 -2.44 -0.88 -6.08
C LEU B 66 -2.58 0.61 -5.83
N VAL B 67 -3.81 1.08 -5.81
CA VAL B 67 -4.08 2.49 -5.56
C VAL B 67 -4.82 2.61 -4.23
N LYS B 68 -4.24 3.34 -3.29
CA LYS B 68 -4.89 3.53 -2.01
C LYS B 68 -5.31 4.97 -1.84
N GLY B 69 -6.59 5.17 -1.59
CA GLY B 69 -7.12 6.50 -1.39
C GLY B 69 -7.46 6.64 0.09
N PHE B 70 -7.22 7.80 0.65
CA PHE B 70 -7.51 8.02 2.05
C PHE B 70 -8.67 8.99 2.23
N THR B 71 -9.64 8.58 3.05
CA THR B 71 -10.82 9.39 3.30
C THR B 71 -11.24 9.35 4.78
N GLN B 72 -12.00 10.35 5.22
CA GLN B 72 -12.48 10.37 6.59
C GLN B 72 -13.56 9.31 6.76
N GLY B 73 -14.20 8.94 5.66
CA GLY B 73 -15.24 7.95 5.70
C GLY B 73 -16.57 8.54 6.13
N GLU B 74 -16.83 9.78 5.70
CA GLU B 74 -18.07 10.46 6.06
C GLU B 74 -19.17 10.20 5.03
N LYS B 75 -20.38 9.93 5.55
CA LYS B 75 -21.56 9.64 4.74
C LYS B 75 -21.37 9.76 3.24
N GLU B 76 -21.67 10.93 2.68
CA GLU B 76 -21.57 11.13 1.25
C GLU B 76 -20.21 11.61 0.73
N LYS B 77 -19.44 12.25 1.60
CA LYS B 77 -18.12 12.75 1.21
C LYS B 77 -17.25 11.61 0.66
N GLU B 78 -17.53 10.39 1.09
CA GLU B 78 -16.77 9.23 0.66
C GLU B 78 -16.85 8.96 -0.82
N VAL B 79 -18.07 8.97 -1.37
CA VAL B 79 -18.25 8.69 -2.79
C VAL B 79 -17.42 9.65 -3.61
N GLU B 80 -17.42 10.91 -3.18
CA GLU B 80 -16.67 11.94 -3.88
C GLU B 80 -15.18 11.65 -3.80
N ASP B 81 -14.68 11.26 -2.62
CA ASP B 81 -13.26 10.95 -2.51
C ASP B 81 -12.84 9.88 -3.50
N LEU B 82 -13.69 8.87 -3.67
CA LEU B 82 -13.44 7.79 -4.61
C LEU B 82 -13.39 8.38 -6.02
N LYS B 83 -14.40 9.21 -6.32
CA LYS B 83 -14.50 9.87 -7.61
C LYS B 83 -13.16 10.54 -7.96
N ARG B 84 -12.65 11.33 -7.03
CA ARG B 84 -11.38 12.02 -7.24
C ARG B 84 -10.25 11.05 -7.59
N VAL B 85 -10.15 9.96 -6.82
CA VAL B 85 -9.12 8.93 -7.04
C VAL B 85 -9.28 8.27 -8.40
N LEU B 86 -10.52 7.90 -8.73
CA LEU B 86 -10.80 7.23 -10.00
C LEU B 86 -10.53 8.10 -11.21
N SER B 87 -10.88 9.38 -11.12
CA SER B 87 -10.69 10.32 -12.23
C SER B 87 -9.22 10.50 -12.57
N GLY B 88 -8.35 10.04 -11.67
CA GLY B 88 -6.93 10.19 -11.93
C GLY B 88 -6.36 8.98 -12.64
N LEU B 89 -7.20 7.97 -12.86
CA LEU B 89 -6.73 6.74 -13.51
C LEU B 89 -7.17 6.58 -14.95
N LYS B 90 -6.30 6.03 -15.78
CA LYS B 90 -6.69 5.83 -17.17
C LYS B 90 -7.45 4.53 -17.32
N ILE B 91 -8.74 4.58 -16.97
CA ILE B 91 -9.60 3.40 -17.06
C ILE B 91 -10.88 3.72 -17.81
N GLN B 92 -11.57 2.67 -18.27
CA GLN B 92 -12.82 2.83 -18.99
C GLN B 92 -13.98 2.30 -18.15
N GLY B 93 -13.65 1.49 -17.16
CA GLY B 93 -14.69 0.92 -16.30
C GLY B 93 -14.17 0.55 -14.93
N ILE B 94 -15.08 0.13 -14.07
CA ILE B 94 -14.75 -0.27 -12.71
C ILE B 94 -15.50 -1.54 -12.31
N VAL B 95 -14.79 -2.45 -11.66
CA VAL B 95 -15.40 -3.70 -11.22
C VAL B 95 -15.45 -3.75 -9.70
N ALA B 96 -16.46 -4.43 -9.16
CA ALA B 96 -16.65 -4.60 -7.73
C ALA B 96 -17.44 -5.88 -7.47
N GLY B 97 -17.40 -6.36 -6.23
CA GLY B 97 -18.12 -7.58 -5.87
C GLY B 97 -19.62 -7.44 -5.95
N ALA B 98 -20.29 -8.46 -6.49
CA ALA B 98 -21.74 -8.43 -6.64
C ALA B 98 -22.51 -8.45 -5.33
N LEU B 99 -21.85 -8.88 -4.26
CA LEU B 99 -22.49 -8.94 -2.96
C LEU B 99 -22.70 -7.56 -2.33
N ALA B 100 -22.39 -6.51 -3.07
CA ALA B 100 -22.56 -5.15 -2.56
C ALA B 100 -24.02 -4.90 -2.15
N SER B 101 -24.34 -3.67 -1.74
CA SER B 101 -25.70 -3.34 -1.34
C SER B 101 -26.26 -2.27 -2.26
N LYS B 102 -27.58 -2.11 -2.24
CA LYS B 102 -28.22 -1.11 -3.09
C LYS B 102 -27.63 0.27 -2.78
N TYR B 103 -27.25 0.46 -1.52
CA TYR B 103 -26.67 1.72 -1.08
C TYR B 103 -25.34 1.94 -1.78
N GLN B 104 -24.49 0.92 -1.75
CA GLN B 104 -23.18 0.98 -2.40
C GLN B 104 -23.32 1.01 -3.91
N ARG B 105 -24.01 0.01 -4.43
CA ARG B 105 -24.26 -0.16 -5.87
C ARG B 105 -24.76 1.13 -6.50
N LYS B 106 -25.71 1.77 -5.82
CA LYS B 106 -26.25 3.02 -6.32
C LYS B 106 -25.18 4.10 -6.40
N ARG B 107 -24.45 4.29 -5.31
CA ARG B 107 -23.40 5.30 -5.25
C ARG B 107 -22.23 5.02 -6.19
N ILE B 108 -21.91 3.75 -6.38
CA ILE B 108 -20.84 3.33 -7.27
C ILE B 108 -21.22 3.74 -8.70
N GLU B 109 -22.45 3.39 -9.08
CA GLU B 109 -22.96 3.70 -10.42
C GLU B 109 -23.04 5.21 -10.63
N LYS B 110 -23.27 5.94 -9.54
CA LYS B 110 -23.36 7.39 -9.57
C LYS B 110 -22.03 8.02 -10.01
N VAL B 111 -20.95 7.70 -9.29
CA VAL B 111 -19.63 8.24 -9.62
C VAL B 111 -19.15 7.77 -11.00
N ALA B 112 -19.50 6.54 -11.35
CA ALA B 112 -19.12 5.97 -12.63
C ALA B 112 -19.73 6.78 -13.77
N LYS B 113 -20.99 7.16 -13.60
CA LYS B 113 -21.68 7.93 -14.63
C LYS B 113 -21.12 9.35 -14.71
N GLU B 114 -20.70 9.87 -13.57
CA GLU B 114 -20.12 11.21 -13.53
C GLU B 114 -18.73 11.22 -14.17
N LEU B 115 -18.12 10.05 -14.30
CA LEU B 115 -16.79 9.94 -14.89
C LEU B 115 -16.86 9.27 -16.26
N GLY B 116 -18.05 8.84 -16.63
CA GLY B 116 -18.22 8.17 -17.92
C GLY B 116 -17.57 6.80 -17.91
N LEU B 117 -17.84 6.02 -16.88
CA LEU B 117 -17.25 4.69 -16.75
C LEU B 117 -18.33 3.61 -16.62
N GLU B 118 -18.05 2.45 -17.20
CA GLU B 118 -18.97 1.32 -17.14
C GLU B 118 -18.88 0.74 -15.73
N VAL B 119 -19.87 -0.07 -15.36
CA VAL B 119 -19.88 -0.69 -14.03
C VAL B 119 -20.19 -2.17 -14.17
N TYR B 120 -19.19 -3.02 -13.98
CA TYR B 120 -19.39 -4.46 -14.08
C TYR B 120 -19.48 -5.03 -12.67
N THR B 121 -20.55 -5.79 -12.41
CA THR B 121 -20.77 -6.40 -11.11
C THR B 121 -21.23 -7.85 -11.26
N PRO B 122 -20.26 -8.77 -11.45
CA PRO B 122 -20.57 -10.19 -11.62
C PRO B 122 -21.15 -10.83 -10.36
N ASP B 127 -27.37 -18.08 -5.82
CA ASP B 127 -27.33 -19.07 -4.74
C ASP B 127 -25.96 -19.13 -4.05
N ALA B 128 -25.94 -18.71 -2.78
CA ALA B 128 -24.72 -18.70 -1.98
C ALA B 128 -24.00 -20.05 -1.95
N LYS B 129 -24.76 -21.13 -2.00
CA LYS B 129 -24.16 -22.47 -1.97
C LYS B 129 -23.33 -22.76 -3.24
N GLU B 130 -23.91 -22.52 -4.41
CA GLU B 130 -23.20 -22.77 -5.65
C GLU B 130 -22.07 -21.75 -5.81
N TYR B 131 -22.25 -20.58 -5.22
CA TYR B 131 -21.24 -19.53 -5.28
C TYR B 131 -20.01 -19.95 -4.48
N ARG B 133 -19.18 -22.80 -3.37
CA ARG B 133 -18.58 -24.02 -3.92
C ARG B 133 -17.75 -23.68 -5.15
N GLU B 134 -18.23 -22.74 -5.95
CA GLU B 134 -17.50 -22.31 -7.13
C GLU B 134 -16.15 -21.72 -6.73
N LEU B 135 -16.14 -20.91 -5.67
CA LEU B 135 -14.91 -20.28 -5.18
C LEU B 135 -13.93 -21.34 -4.73
N LEU B 136 -14.42 -22.38 -4.07
CA LEU B 136 -13.55 -23.46 -3.61
C LEU B 136 -12.96 -24.20 -4.80
N ASN B 137 -13.78 -24.44 -5.83
CA ASN B 137 -13.31 -25.16 -7.01
C ASN B 137 -12.32 -24.33 -7.84
N LEU B 138 -12.36 -23.01 -7.67
CA LEU B 138 -11.45 -22.12 -8.38
C LEU B 138 -10.15 -22.01 -7.64
N GLY B 139 -10.05 -22.69 -6.51
CA GLY B 139 -8.82 -22.66 -5.73
C GLY B 139 -8.69 -21.53 -4.73
N PHE B 140 -9.81 -20.95 -4.30
CA PHE B 140 -9.74 -19.88 -3.30
C PHE B 140 -9.43 -20.40 -1.90
N LYS B 141 -8.50 -19.73 -1.22
CA LYS B 141 -8.14 -20.07 0.15
C LYS B 141 -8.67 -18.91 1.02
N ILE B 142 -9.94 -19.00 1.39
CA ILE B 142 -10.60 -17.98 2.17
C ILE B 142 -10.53 -18.21 3.67
N VAL B 144 -11.63 -16.89 7.46
CA VAL B 144 -12.63 -16.11 8.18
C VAL B 144 -11.92 -15.16 9.14
N VAL B 145 -12.07 -13.87 8.93
CA VAL B 145 -11.39 -12.91 9.78
C VAL B 145 -12.35 -12.06 10.63
N GLY B 146 -13.64 -12.32 10.50
CA GLY B 146 -14.61 -11.59 11.27
C GLY B 146 -15.85 -12.44 11.41
N VAL B 147 -16.54 -12.32 12.55
CA VAL B 147 -17.77 -13.06 12.85
C VAL B 147 -18.72 -12.20 13.67
N SER B 148 -19.98 -12.14 13.27
CA SER B 148 -21.00 -11.34 13.97
C SER B 148 -22.39 -11.90 13.71
N ALA B 149 -22.67 -13.07 14.27
CA ALA B 149 -23.97 -13.70 14.09
C ALA B 149 -24.04 -14.93 14.98
N TYR B 150 -25.20 -15.18 15.57
CA TYR B 150 -25.34 -16.34 16.44
C TYR B 150 -25.04 -17.62 15.67
N GLY B 151 -24.15 -18.43 16.22
CA GLY B 151 -23.76 -19.67 15.58
C GLY B 151 -22.29 -19.58 15.18
N LEU B 152 -21.79 -18.36 15.05
CA LEU B 152 -20.40 -18.16 14.69
C LEU B 152 -19.61 -17.75 15.93
N ASP B 153 -19.14 -18.75 16.67
CA ASP B 153 -18.37 -18.49 17.88
C ASP B 153 -16.93 -18.11 17.53
N GLU B 154 -16.17 -17.73 18.53
CA GLU B 154 -14.78 -17.32 18.35
C GLU B 154 -13.92 -18.36 17.65
N SER B 155 -14.32 -19.63 17.73
CA SER B 155 -13.52 -20.68 17.10
C SER B 155 -13.43 -20.54 15.58
N TRP B 156 -14.42 -19.87 14.99
CA TRP B 156 -14.44 -19.66 13.54
C TRP B 156 -13.35 -18.69 13.11
N LEU B 157 -12.98 -17.77 14.00
CA LEU B 157 -11.94 -16.79 13.68
C LEU B 157 -10.63 -17.48 13.28
N GLY B 158 -10.14 -17.14 12.09
CA GLY B 158 -8.89 -17.72 11.60
C GLY B 158 -9.06 -19.04 10.88
N ARG B 159 -10.25 -19.61 10.91
CA ARG B 159 -10.44 -20.88 10.23
C ARG B 159 -10.53 -20.68 8.73
N ILE B 160 -10.02 -21.65 7.98
CA ILE B 160 -10.05 -21.62 6.53
C ILE B 160 -11.31 -22.34 6.05
N LEU B 161 -12.05 -21.68 5.15
CA LEU B 161 -13.28 -22.23 4.60
C LEU B 161 -13.10 -23.22 3.48
N ASP B 162 -13.21 -24.50 3.82
CA ASP B 162 -13.10 -25.59 2.84
C ASP B 162 -14.50 -26.16 2.60
N GLU B 163 -14.59 -27.44 2.27
CA GLU B 163 -15.88 -28.06 2.04
C GLU B 163 -16.56 -28.41 3.37
N SER B 164 -15.77 -28.93 4.30
CA SER B 164 -16.28 -29.28 5.62
C SER B 164 -16.82 -28.01 6.27
N ALA B 165 -16.04 -26.95 6.20
CA ALA B 165 -16.45 -25.67 6.77
C ALA B 165 -17.76 -25.21 6.13
N LEU B 166 -17.84 -25.30 4.81
CA LEU B 166 -19.03 -24.89 4.10
C LEU B 166 -20.24 -25.72 4.55
N GLU B 167 -20.01 -27.00 4.84
CA GLU B 167 -21.08 -27.88 5.30
C GLU B 167 -21.56 -27.45 6.69
N GLU B 168 -20.63 -26.95 7.51
CA GLU B 168 -21.00 -26.47 8.85
C GLU B 168 -21.87 -25.25 8.67
N LEU B 169 -21.45 -24.34 7.81
CA LEU B 169 -22.22 -23.13 7.57
C LEU B 169 -23.63 -23.49 7.11
N ILE B 170 -23.75 -24.57 6.34
CA ILE B 170 -25.04 -25.02 5.84
C ILE B 170 -25.93 -25.35 7.04
N THR B 171 -25.37 -26.09 7.99
CA THR B 171 -26.08 -26.49 9.20
C THR B 171 -26.50 -25.26 10.00
N LEU B 172 -25.60 -24.29 10.14
CA LEU B 172 -25.89 -23.06 10.88
C LEU B 172 -26.97 -22.27 10.13
N ASN B 173 -27.01 -22.39 8.82
CA ASN B 173 -27.99 -21.68 8.02
C ASN B 173 -29.38 -22.26 8.30
N GLU B 174 -29.45 -23.57 8.41
CA GLU B 174 -30.73 -24.23 8.66
C GLU B 174 -31.17 -24.00 10.10
N LYS B 175 -30.21 -24.03 11.02
CA LYS B 175 -30.51 -23.84 12.42
C LYS B 175 -30.71 -22.38 12.85
N TYR B 176 -29.90 -21.46 12.32
CA TYR B 176 -30.00 -20.06 12.72
C TYR B 176 -30.15 -19.04 11.60
N LYS B 177 -30.36 -19.52 10.38
CA LYS B 177 -30.51 -18.67 9.20
C LYS B 177 -29.25 -17.87 8.83
N VAL B 178 -28.09 -18.46 9.10
CA VAL B 178 -26.82 -17.83 8.78
C VAL B 178 -26.59 -17.93 7.28
N HIS B 179 -26.44 -16.79 6.62
CA HIS B 179 -26.20 -16.79 5.18
C HIS B 179 -24.93 -17.53 4.82
N VAL B 180 -25.06 -18.48 3.90
CA VAL B 180 -23.94 -19.29 3.46
C VAL B 180 -22.73 -18.46 3.08
N ALA B 181 -22.94 -17.43 2.26
CA ALA B 181 -21.86 -16.55 1.82
C ALA B 181 -21.78 -15.27 2.64
N GLY B 182 -22.33 -15.29 3.86
CA GLY B 182 -22.30 -14.11 4.71
C GLY B 182 -22.97 -12.87 4.14
N GLU B 183 -23.90 -13.08 3.21
CA GLU B 183 -24.61 -11.97 2.59
C GLU B 183 -25.20 -11.01 3.60
N GLY B 184 -25.61 -11.52 4.76
CA GLY B 184 -26.19 -10.67 5.78
C GLY B 184 -25.15 -10.03 6.69
N GLY B 185 -23.88 -10.29 6.40
CA GLY B 185 -22.80 -9.74 7.21
C GLY B 185 -22.52 -10.62 8.42
N GLU B 186 -22.76 -11.91 8.28
CA GLU B 186 -22.54 -12.85 9.37
C GLU B 186 -21.05 -13.02 9.67
N PHE B 187 -20.22 -12.87 8.62
CA PHE B 187 -18.77 -13.01 8.76
C PHE B 187 -18.00 -12.30 7.67
N GLU B 188 -16.73 -12.01 7.95
CA GLU B 188 -15.88 -11.33 6.99
C GLU B 188 -14.69 -12.23 6.61
N THR B 189 -14.15 -12.03 5.42
CA THR B 189 -13.06 -12.87 4.95
C THR B 189 -11.87 -12.15 4.33
N PHE B 190 -10.77 -12.90 4.21
CA PHE B 190 -9.54 -12.41 3.62
C PHE B 190 -8.96 -13.55 2.80
N VAL B 191 -8.64 -13.28 1.53
CA VAL B 191 -8.09 -14.30 0.63
C VAL B 191 -6.57 -14.42 0.74
N LEU B 192 -6.10 -15.58 1.19
CA LEU B 192 -4.68 -15.84 1.36
C LEU B 192 -4.06 -16.38 0.08
N ASP B 193 -4.87 -17.07 -0.73
CA ASP B 193 -4.36 -17.64 -1.96
C ASP B 193 -5.43 -17.82 -3.01
N PRO B 195 -5.42 -19.06 -7.58
CA PRO B 195 -4.61 -19.32 -8.76
C PRO B 195 -3.99 -18.10 -9.43
N LEU B 196 -4.64 -16.95 -9.30
CA LEU B 196 -4.11 -15.71 -9.88
C LEU B 196 -2.96 -15.15 -9.06
N PHE B 197 -2.85 -15.55 -7.80
CA PHE B 197 -1.75 -15.08 -6.93
C PHE B 197 -0.47 -15.76 -7.37
N LYS B 198 0.58 -14.97 -7.59
CA LYS B 198 1.86 -15.54 -8.02
C LYS B 198 2.50 -16.22 -6.81
N TYR B 199 2.24 -15.68 -5.63
CA TYR B 199 2.74 -16.22 -4.38
C TYR B 199 1.57 -16.46 -3.43
N LYS B 200 1.83 -17.18 -2.34
CA LYS B 200 0.81 -17.48 -1.35
C LYS B 200 1.06 -16.68 -0.08
N ILE B 201 -0.02 -16.18 0.53
CA ILE B 201 0.10 -15.41 1.76
C ILE B 201 0.05 -16.36 2.95
N VAL B 202 1.08 -16.28 3.80
CA VAL B 202 1.20 -17.12 4.98
C VAL B 202 1.19 -16.29 6.25
N VAL B 203 0.18 -16.50 7.08
CA VAL B 203 0.04 -15.78 8.34
C VAL B 203 1.02 -16.33 9.38
N ASP B 204 2.01 -15.52 9.73
CA ASP B 204 3.03 -15.91 10.69
C ASP B 204 2.59 -15.63 12.13
N LYS B 205 1.82 -14.58 12.33
CA LYS B 205 1.36 -14.22 13.66
C LYS B 205 0.06 -13.43 13.57
N ALA B 206 -0.88 -13.74 14.47
CA ALA B 206 -2.14 -13.04 14.50
C ALA B 206 -2.81 -13.23 15.85
N LYS B 207 -3.79 -12.36 16.14
CA LYS B 207 -4.52 -12.44 17.39
C LYS B 207 -5.97 -12.08 17.12
N LYS B 208 -6.88 -12.71 17.86
CA LYS B 208 -8.29 -12.45 17.70
C LYS B 208 -8.82 -11.58 18.84
N VAL B 209 -9.51 -10.50 18.47
CA VAL B 209 -10.08 -9.59 19.45
C VAL B 209 -11.56 -9.93 19.54
N TRP B 210 -12.02 -10.23 20.75
CA TRP B 210 -13.42 -10.61 20.96
C TRP B 210 -14.17 -9.63 21.85
N GLU B 211 -15.44 -9.38 21.51
CA GLU B 211 -16.30 -8.47 22.25
C GLU B 211 -17.57 -9.22 22.68
N PRO B 212 -17.64 -9.64 23.96
CA PRO B 212 -18.80 -10.37 24.51
C PRO B 212 -20.08 -9.56 24.60
N CYS B 213 -19.96 -8.24 24.54
CA CYS B 213 -21.12 -7.38 24.63
C CYS B 213 -22.06 -7.55 23.45
N THR B 214 -21.51 -7.99 22.33
CA THR B 214 -22.30 -8.21 21.12
C THR B 214 -21.92 -9.54 20.49
N SER B 215 -21.09 -10.29 21.22
CA SER B 215 -20.62 -11.59 20.80
C SER B 215 -20.15 -11.59 19.35
N SER B 216 -19.13 -10.76 19.09
CA SER B 216 -18.55 -10.62 17.78
C SER B 216 -17.04 -10.47 17.94
N GLY B 217 -16.30 -10.73 16.87
CA GLY B 217 -14.86 -10.61 16.93
C GLY B 217 -14.16 -10.58 15.58
N LYS B 218 -12.85 -10.42 15.63
CA LYS B 218 -12.05 -10.34 14.42
C LYS B 218 -10.68 -10.97 14.60
N LEU B 219 -10.09 -11.38 13.50
CA LEU B 219 -8.76 -11.98 13.52
C LEU B 219 -7.81 -10.95 12.93
N ILE B 220 -7.02 -10.31 13.79
CA ILE B 220 -6.07 -9.31 13.34
C ILE B 220 -4.77 -10.00 12.95
N ILE B 221 -4.43 -9.90 11.67
CA ILE B 221 -3.19 -10.49 11.17
C ILE B 221 -2.15 -9.42 11.39
N GLU B 222 -1.16 -9.75 12.21
CA GLU B 222 -0.11 -8.79 12.52
C GLU B 222 1.28 -9.20 12.03
N GLU B 223 1.34 -10.24 11.20
CA GLU B 223 2.61 -10.71 10.66
C GLU B 223 2.39 -11.82 9.63
N ALA B 224 2.77 -11.54 8.38
CA ALA B 224 2.61 -12.49 7.29
C ALA B 224 3.57 -12.22 6.14
N HIS B 225 3.93 -13.26 5.41
CA HIS B 225 4.84 -13.10 4.29
C HIS B 225 4.31 -13.89 3.10
N LEU B 226 5.05 -13.86 2.00
CA LEU B 226 4.64 -14.58 0.80
C LEU B 226 5.60 -15.74 0.54
N GLU B 227 5.07 -16.81 -0.04
CA GLU B 227 5.85 -18.00 -0.37
C GLU B 227 5.62 -18.43 -1.81
N SER B 228 6.70 -18.78 -2.49
CA SER B 228 6.65 -19.20 -3.88
C SER B 228 5.58 -20.25 -4.10
N LYS B 229 5.13 -20.37 -5.35
CA LYS B 229 4.10 -21.35 -5.69
C LYS B 229 4.49 -22.11 -6.96
N LEU B 230 5.23 -23.20 -6.78
CA LEU B 230 5.66 -24.04 -7.90
C LEU B 230 6.45 -25.23 -7.37
#